data_4RLB
#
_entry.id   4RLB
#
_cell.length_a   139.602
_cell.length_b   139.602
_cell.length_c   138.759
_cell.angle_alpha   90.00
_cell.angle_beta   90.00
_cell.angle_gamma   120.00
#
_symmetry.space_group_name_H-M   'P 65 2 2'
#
_entity_poly.entity_id   1
_entity_poly.type   'polypeptide(L)'
_entity_poly.pdbx_seq_one_letter_code
;MKHHHHHHPMSDYDIPTTENLYFQGAMDEAVVHDSYAFDKNQLIPVGARAEVGTTGYGGALLWQANPYVGLALGYNGGDI
SWSDDLSINGTKYDMDMDNKLAYLNAEIRPWGASTNPWAQGLYVAAGAAYVDNQYDLTKNVGTNASVEIDGNRFNGGANG
VSIAGNLKYDNDIAPYIGFGFAPKFSKNWGVFGEVGAYYSGNPKVSLASNNDALIGSDGRTLGKTLDDQERKIANDDKYK
WLPVGKVGVNFYW
;
_entity_poly.pdbx_strand_id   A,B
#
# COMPACT_ATOMS: atom_id res chain seq x y z
N ASN A 41 -24.57 -40.53 -2.79
CA ASN A 41 -24.13 -39.12 -2.55
C ASN A 41 -24.97 -38.37 -1.52
N GLN A 42 -25.16 -38.99 -0.36
CA GLN A 42 -25.83 -38.30 0.69
C GLN A 42 -24.76 -37.58 1.56
N LEU A 43 -25.25 -36.52 2.19
CA LEU A 43 -24.44 -35.65 2.96
C LEU A 43 -24.21 -36.22 4.36
N ILE A 44 -22.94 -36.48 4.66
CA ILE A 44 -22.54 -37.08 5.90
C ILE A 44 -22.03 -35.96 6.81
N PRO A 45 -22.57 -35.87 8.01
CA PRO A 45 -21.93 -34.97 8.99
C PRO A 45 -20.47 -35.30 9.33
N VAL A 46 -19.62 -34.31 9.31
CA VAL A 46 -18.19 -34.53 9.53
C VAL A 46 -17.57 -33.70 10.66
N GLY A 47 -18.25 -32.68 11.15
CA GLY A 47 -17.71 -31.92 12.26
C GLY A 47 -18.21 -30.49 12.30
N ALA A 48 -17.33 -29.57 12.65
CA ALA A 48 -17.76 -28.17 12.80
C ALA A 48 -16.58 -27.22 12.60
N ARG A 49 -16.88 -25.94 12.47
CA ARG A 49 -15.81 -24.99 12.42
C ARG A 49 -16.06 -23.77 13.28
N ALA A 50 -14.97 -23.13 13.66
CA ALA A 50 -15.04 -21.84 14.39
C ALA A 50 -14.54 -20.79 13.44
N GLU A 51 -15.20 -19.65 13.42
CA GLU A 51 -14.88 -18.60 12.44
C GLU A 51 -15.07 -17.24 13.02
N VAL A 52 -14.27 -16.34 12.46
CA VAL A 52 -14.26 -14.96 12.78
C VAL A 52 -14.09 -14.12 11.47
N GLY A 53 -14.76 -12.97 11.41
CA GLY A 53 -14.69 -12.14 10.20
C GLY A 53 -15.53 -10.90 10.32
N THR A 54 -15.86 -10.28 9.19
CA THR A 54 -16.45 -8.95 9.16
C THR A 54 -17.87 -8.91 9.70
N THR A 55 -18.54 -10.05 9.81
CA THR A 55 -19.92 -10.09 10.32
C THR A 55 -19.91 -10.55 11.76
N GLY A 56 -18.72 -10.71 12.33
CA GLY A 56 -18.56 -11.20 13.69
C GLY A 56 -18.03 -12.62 13.79
N TYR A 57 -18.38 -13.30 14.89
CA TYR A 57 -17.83 -14.62 15.19
C TYR A 57 -18.93 -15.70 15.34
N GLY A 58 -18.51 -16.94 15.22
CA GLY A 58 -19.37 -18.09 15.55
C GLY A 58 -18.79 -19.29 14.86
N GLY A 59 -19.59 -19.98 14.07
CA GLY A 59 -19.16 -21.27 13.59
C GLY A 59 -20.28 -21.98 12.90
N ALA A 60 -19.98 -23.18 12.43
CA ALA A 60 -20.92 -23.93 11.60
C ALA A 60 -20.80 -25.41 11.78
N LEU A 61 -21.89 -26.12 11.50
CA LEU A 61 -21.88 -27.55 11.33
C LEU A 61 -21.57 -27.87 9.86
N LEU A 62 -20.77 -28.91 9.65
CA LEU A 62 -20.28 -29.30 8.36
C LEU A 62 -20.73 -30.69 7.91
N TRP A 63 -21.09 -30.78 6.63
CA TRP A 63 -21.32 -32.05 5.95
C TRP A 63 -20.52 -32.18 4.65
N GLN A 64 -20.17 -33.41 4.27
CA GLN A 64 -19.51 -33.69 2.97
C GLN A 64 -20.24 -34.87 2.38
N ALA A 65 -20.58 -34.78 1.11
CA ALA A 65 -21.15 -35.88 0.33
C ALA A 65 -20.04 -36.56 -0.49
N ASN A 66 -19.09 -35.79 -1.00
CA ASN A 66 -18.01 -36.35 -1.79
C ASN A 66 -16.93 -35.31 -1.97
N PRO A 67 -15.90 -35.63 -2.74
CA PRO A 67 -14.83 -34.65 -2.80
C PRO A 67 -15.24 -33.28 -3.32
N TYR A 68 -16.40 -33.19 -3.96
CA TYR A 68 -16.81 -32.01 -4.75
C TYR A 68 -17.86 -31.17 -4.04
N VAL A 69 -18.63 -31.79 -3.15
CA VAL A 69 -19.80 -31.15 -2.56
C VAL A 69 -19.89 -31.31 -1.04
N GLY A 70 -20.14 -30.21 -0.36
CA GLY A 70 -20.26 -30.18 1.10
C GLY A 70 -21.28 -29.15 1.49
N LEU A 71 -21.51 -29.02 2.79
CA LEU A 71 -22.55 -28.14 3.28
C LEU A 71 -22.15 -27.56 4.62
N ALA A 72 -22.42 -26.27 4.78
CA ALA A 72 -22.19 -25.61 6.02
C ALA A 72 -23.46 -24.93 6.48
N LEU A 73 -23.75 -25.10 7.76
CA LEU A 73 -24.83 -24.39 8.41
C LEU A 73 -24.28 -23.70 9.66
N GLY A 74 -24.35 -22.36 9.70
CA GLY A 74 -23.68 -21.63 10.77
C GLY A 74 -24.34 -20.36 11.20
N TYR A 75 -23.70 -19.72 12.19
CA TYR A 75 -24.12 -18.44 12.74
C TYR A 75 -22.91 -17.59 12.84
N ASN A 76 -23.08 -16.31 12.51
CA ASN A 76 -22.09 -15.27 12.86
C ASN A 76 -22.78 -14.19 13.59
N GLY A 77 -22.06 -13.50 14.46
CA GLY A 77 -22.75 -12.46 15.20
C GLY A 77 -21.94 -11.92 16.31
N GLY A 78 -22.60 -11.28 17.28
CA GLY A 78 -21.88 -10.62 18.37
C GLY A 78 -22.02 -9.10 18.39
N ASP A 79 -21.84 -8.54 19.60
CA ASP A 79 -21.70 -7.13 19.86
C ASP A 79 -20.19 -6.82 19.94
N ILE A 80 -19.64 -6.34 18.84
CA ILE A 80 -18.20 -6.21 18.61
C ILE A 80 -17.84 -4.80 18.18
N SER A 81 -16.69 -4.33 18.61
CA SER A 81 -16.17 -3.08 18.27
C SER A 81 -15.10 -3.52 17.29
N TRP A 82 -15.43 -3.41 16.02
CA TRP A 82 -14.53 -3.77 14.95
C TRP A 82 -13.34 -2.83 14.86
N SER A 83 -13.49 -1.58 15.23
CA SER A 83 -12.29 -0.70 15.34
C SER A 83 -12.61 0.45 16.25
N ASP A 84 -11.67 0.86 17.09
CA ASP A 84 -11.90 2.00 17.94
C ASP A 84 -10.66 2.79 18.02
N ASP A 85 -10.83 4.09 17.86
CA ASP A 85 -9.73 5.01 17.94
C ASP A 85 -8.72 4.83 16.79
N LEU A 86 -9.14 4.25 15.67
CA LEU A 86 -8.15 3.89 14.61
C LEU A 86 -7.82 5.06 13.63
N SER A 87 -6.63 5.64 13.79
CA SER A 87 -6.23 6.90 13.13
C SER A 87 -5.50 6.68 11.78
N ILE A 88 -6.01 7.32 10.73
CA ILE A 88 -5.44 7.26 9.40
C ILE A 88 -5.56 8.62 8.70
N ASN A 89 -4.43 9.18 8.30
CA ASN A 89 -4.36 10.54 7.72
C ASN A 89 -5.21 11.52 8.39
N GLY A 90 -5.03 11.64 9.70
CA GLY A 90 -5.74 12.66 10.53
C GLY A 90 -7.17 12.34 10.94
N THR A 91 -7.56 11.08 10.73
CA THR A 91 -8.95 10.71 10.85
C THR A 91 -9.13 9.38 11.56
N LYS A 92 -9.96 9.41 12.61
CA LYS A 92 -10.21 8.27 13.45
C LYS A 92 -11.46 7.51 13.01
N TYR A 93 -11.38 6.19 12.88
CA TYR A 93 -12.56 5.31 12.55
C TYR A 93 -12.98 4.49 13.72
N ASP A 94 -14.30 4.40 13.88
CA ASP A 94 -14.88 3.57 14.90
C ASP A 94 -15.96 2.85 14.19
N MET A 95 -16.00 1.55 14.38
CA MET A 95 -17.13 0.77 13.90
C MET A 95 -17.52 -0.25 14.96
N ASP A 96 -18.82 -0.30 15.20
CA ASP A 96 -19.42 -1.23 16.09
C ASP A 96 -20.45 -2.02 15.35
N MET A 97 -20.53 -3.32 15.63
CA MET A 97 -21.57 -4.16 15.06
C MET A 97 -22.39 -4.81 16.16
N ASP A 98 -23.60 -5.14 15.79
CA ASP A 98 -24.42 -5.94 16.61
C ASP A 98 -25.19 -6.82 15.66
N ASN A 99 -24.63 -8.01 15.41
CA ASN A 99 -25.15 -8.93 14.38
C ASN A 99 -25.77 -10.25 14.85
N LYS A 100 -26.83 -10.65 14.16
CA LYS A 100 -27.37 -12.02 14.21
C LYS A 100 -27.52 -12.51 12.75
N LEU A 101 -26.63 -13.38 12.33
CA LEU A 101 -26.73 -13.94 10.99
C LEU A 101 -26.62 -15.50 11.05
N ALA A 102 -27.56 -16.20 10.44
CA ALA A 102 -27.51 -17.67 10.37
C ALA A 102 -27.61 -18.07 8.91
N TYR A 103 -26.69 -18.93 8.46
CA TYR A 103 -26.63 -19.24 7.05
C TYR A 103 -26.61 -20.72 6.75
N LEU A 104 -26.98 -21.05 5.53
CA LEU A 104 -26.86 -22.37 4.98
C LEU A 104 -26.29 -22.26 3.59
N ASN A 105 -25.08 -22.77 3.39
CA ASN A 105 -24.64 -22.90 1.98
C ASN A 105 -23.96 -24.17 1.60
N ALA A 106 -24.14 -24.51 0.33
CA ALA A 106 -23.36 -25.55 -0.30
C ALA A 106 -21.92 -25.06 -0.50
N GLU A 107 -20.92 -25.93 -0.36
CA GLU A 107 -19.55 -25.64 -0.86
C GLU A 107 -19.27 -26.60 -2.02
N ILE A 108 -18.95 -26.04 -3.20
CA ILE A 108 -18.57 -26.80 -4.40
C ILE A 108 -17.09 -26.69 -4.75
N ARG A 109 -16.38 -27.81 -4.78
CA ARG A 109 -15.00 -27.80 -5.24
C ARG A 109 -14.89 -28.27 -6.70
N PRO A 110 -14.84 -27.35 -7.67
CA PRO A 110 -14.62 -27.81 -9.07
C PRO A 110 -13.45 -28.82 -9.26
N TRP A 111 -12.39 -28.74 -8.46
CA TRP A 111 -11.25 -29.61 -8.58
C TRP A 111 -11.03 -30.39 -7.32
N GLY A 112 -12.12 -30.85 -6.72
CA GLY A 112 -12.05 -31.44 -5.38
C GLY A 112 -11.37 -32.79 -5.30
N ALA A 113 -11.18 -33.42 -6.46
CA ALA A 113 -10.44 -34.66 -6.54
C ALA A 113 -8.93 -34.40 -6.87
N SER A 114 -8.58 -33.16 -7.18
CA SER A 114 -7.19 -32.84 -7.48
C SER A 114 -6.22 -33.19 -6.33
N THR A 115 -5.09 -33.78 -6.69
CA THR A 115 -3.97 -34.05 -5.80
C THR A 115 -3.13 -32.80 -5.61
N ASN A 116 -3.38 -31.79 -6.43
CA ASN A 116 -2.89 -30.44 -6.11
C ASN A 116 -3.70 -29.79 -4.98
N PRO A 117 -3.08 -29.57 -3.80
CA PRO A 117 -3.97 -28.93 -2.83
C PRO A 117 -4.38 -27.49 -3.16
N TRP A 118 -3.68 -26.83 -4.08
CA TRP A 118 -4.00 -25.44 -4.43
C TRP A 118 -5.28 -25.37 -5.20
N ALA A 119 -5.57 -26.39 -5.99
CA ALA A 119 -6.88 -26.49 -6.66
C ALA A 119 -8.01 -27.20 -5.83
N GLN A 120 -7.62 -28.26 -5.11
CA GLN A 120 -8.60 -29.01 -4.31
C GLN A 120 -9.20 -28.12 -3.21
N GLY A 121 -8.49 -27.08 -2.83
CA GLY A 121 -8.94 -26.22 -1.74
C GLY A 121 -9.95 -25.17 -2.12
N LEU A 122 -10.05 -24.89 -3.41
CA LEU A 122 -10.93 -23.82 -3.89
C LEU A 122 -12.34 -24.26 -3.95
N TYR A 123 -13.21 -23.37 -3.52
CA TYR A 123 -14.62 -23.60 -3.61
C TYR A 123 -15.45 -22.38 -3.83
N VAL A 124 -16.64 -22.64 -4.34
CA VAL A 124 -17.70 -21.66 -4.48
C VAL A 124 -18.73 -22.00 -3.42
N ALA A 125 -19.25 -20.96 -2.76
CA ALA A 125 -20.25 -21.16 -1.73
C ALA A 125 -21.53 -20.53 -2.22
N ALA A 126 -22.66 -21.22 -1.98
CA ALA A 126 -23.94 -20.70 -2.43
C ALA A 126 -25.00 -21.16 -1.52
N GLY A 127 -25.86 -20.21 -1.12
CA GLY A 127 -26.99 -20.53 -0.26
C GLY A 127 -27.83 -19.32 0.15
N ALA A 128 -28.18 -19.24 1.43
CA ALA A 128 -29.00 -18.14 1.94
C ALA A 128 -28.84 -18.00 3.44
N ALA A 129 -29.17 -16.80 3.93
CA ALA A 129 -29.07 -16.50 5.36
C ALA A 129 -30.21 -15.68 5.91
N TYR A 130 -30.58 -15.97 7.13
CA TYR A 130 -31.38 -15.07 7.92
C TYR A 130 -30.38 -13.96 8.33
N VAL A 131 -30.73 -12.69 8.06
CA VAL A 131 -29.85 -11.55 8.31
C VAL A 131 -30.50 -10.49 9.16
N ASP A 132 -29.88 -10.20 10.30
CA ASP A 132 -30.37 -9.16 11.18
C ASP A 132 -29.18 -8.47 11.79
N ASN A 133 -28.56 -7.59 10.99
CA ASN A 133 -27.29 -6.96 11.36
C ASN A 133 -27.38 -5.46 11.44
N GLN A 134 -26.59 -4.87 12.31
CA GLN A 134 -26.65 -3.42 12.55
C GLN A 134 -25.23 -2.90 12.74
N TYR A 135 -24.87 -1.89 11.94
CA TYR A 135 -23.51 -1.29 12.00
C TYR A 135 -23.59 0.18 12.37
N ASP A 136 -22.68 0.58 13.25
CA ASP A 136 -22.45 1.96 13.62
C ASP A 136 -21.10 2.35 13.17
N LEU A 137 -21.03 3.33 12.28
CA LEU A 137 -19.73 3.87 11.84
C LEU A 137 -19.55 5.31 12.30
N THR A 138 -18.33 5.65 12.66
CA THR A 138 -18.01 6.98 12.99
C THR A 138 -16.65 7.34 12.46
N LYS A 139 -16.63 8.44 11.74
CA LYS A 139 -15.45 8.97 11.18
C LYS A 139 -15.24 10.27 11.89
N ASN A 140 -14.17 10.41 12.62
CA ASN A 140 -13.88 11.68 13.21
C ASN A 140 -12.75 12.29 12.40
N VAL A 141 -13.08 13.28 11.59
CA VAL A 141 -12.09 13.90 10.73
C VAL A 141 -11.38 14.95 11.52
N GLY A 142 -10.08 14.80 11.74
CA GLY A 142 -9.40 15.70 12.60
C GLY A 142 -9.08 17.06 12.08
N THR A 143 -8.47 17.90 12.94
CA THR A 143 -7.94 19.16 12.49
C THR A 143 -7.14 19.12 11.17
N ASN A 144 -7.60 19.98 10.22
CA ASN A 144 -7.02 20.15 8.90
C ASN A 144 -6.98 18.85 8.09
N ALA A 145 -7.71 17.85 8.52
CA ALA A 145 -7.73 16.60 7.76
C ALA A 145 -8.79 16.69 6.69
N SER A 146 -8.77 15.74 5.74
CA SER A 146 -9.61 15.81 4.59
C SER A 146 -10.37 14.53 4.42
N VAL A 147 -11.64 14.61 4.07
CA VAL A 147 -12.42 13.42 3.82
C VAL A 147 -13.15 13.67 2.50
N GLU A 148 -13.42 12.62 1.74
CA GLU A 148 -14.23 12.68 0.50
C GLU A 148 -15.52 11.83 0.60
N ILE A 149 -16.68 12.41 0.26
CA ILE A 149 -17.95 11.70 0.29
C ILE A 149 -18.70 12.09 -0.97
N ASP A 150 -19.20 11.08 -1.70
CA ASP A 150 -19.92 11.27 -2.96
C ASP A 150 -19.24 12.31 -3.87
N GLY A 151 -17.93 12.18 -4.05
CA GLY A 151 -17.19 13.07 -4.95
C GLY A 151 -16.91 14.47 -4.45
N ASN A 152 -17.26 14.76 -3.20
CA ASN A 152 -17.14 16.13 -2.66
C ASN A 152 -16.14 16.07 -1.51
N ARG A 153 -15.20 17.01 -1.48
CA ARG A 153 -14.10 16.90 -0.56
C ARG A 153 -14.25 17.99 0.51
N PHE A 154 -14.10 17.60 1.76
CA PHE A 154 -14.27 18.48 2.89
C PHE A 154 -12.99 18.51 3.69
N ASN A 155 -12.78 19.66 4.33
CA ASN A 155 -11.79 19.79 5.34
C ASN A 155 -12.31 20.01 6.75
N GLY A 156 -11.77 19.23 7.65
CA GLY A 156 -11.96 19.44 9.10
C GLY A 156 -11.72 20.81 9.69
N GLY A 157 -10.85 21.64 9.09
CA GLY A 157 -10.61 22.96 9.63
C GLY A 157 -10.00 22.88 10.99
N ALA A 158 -10.13 23.96 11.72
CA ALA A 158 -9.58 24.06 13.08
C ALA A 158 -10.02 22.95 14.02
N ASN A 159 -11.30 22.56 14.01
CA ASN A 159 -11.77 21.52 15.01
C ASN A 159 -12.07 20.16 14.55
N GLY A 160 -12.05 19.92 13.26
CA GLY A 160 -12.48 18.63 12.71
C GLY A 160 -14.00 18.59 12.65
N VAL A 161 -14.50 17.48 12.15
CA VAL A 161 -15.91 17.23 12.03
C VAL A 161 -16.11 15.74 12.23
N SER A 162 -17.21 15.35 12.88
CA SER A 162 -17.52 13.91 13.07
C SER A 162 -18.74 13.55 12.27
N ILE A 163 -18.63 12.45 11.57
CA ILE A 163 -19.65 11.95 10.68
C ILE A 163 -20.02 10.53 11.12
N ALA A 164 -21.32 10.28 11.26
CA ALA A 164 -21.85 9.05 11.82
C ALA A 164 -22.79 8.40 10.83
N GLY A 165 -22.80 7.08 10.84
CA GLY A 165 -23.73 6.29 10.04
C GLY A 165 -24.27 5.10 10.81
N ASN A 166 -25.56 4.87 10.70
CA ASN A 166 -26.21 3.69 11.22
C ASN A 166 -26.76 2.92 9.99
N LEU A 167 -26.38 1.66 9.88
CA LEU A 167 -26.84 0.83 8.80
C LEU A 167 -27.48 -0.42 9.41
N LYS A 168 -28.75 -0.65 9.10
CA LYS A 168 -29.51 -1.81 9.58
C LYS A 168 -29.94 -2.70 8.43
N TYR A 169 -29.49 -3.97 8.43
CA TYR A 169 -29.83 -4.97 7.38
C TYR A 169 -30.70 -6.08 7.96
N ASP A 170 -31.89 -6.26 7.42
CA ASP A 170 -32.86 -7.23 7.85
C ASP A 170 -33.33 -8.00 6.64
N ASN A 171 -33.11 -9.29 6.61
CA ASN A 171 -33.72 -10.08 5.59
C ASN A 171 -33.80 -11.54 6.04
N ASP A 172 -35.00 -12.10 6.08
CA ASP A 172 -35.23 -13.50 6.45
C ASP A 172 -34.56 -14.48 5.54
N ILE A 173 -34.47 -14.15 4.27
CA ILE A 173 -33.94 -15.10 3.33
C ILE A 173 -33.07 -14.40 2.27
N ALA A 174 -31.82 -14.13 2.62
CA ALA A 174 -30.91 -13.40 1.76
C ALA A 174 -30.02 -14.33 0.97
N PRO A 175 -30.10 -14.29 -0.36
CA PRO A 175 -29.20 -15.19 -1.13
C PRO A 175 -27.73 -14.91 -0.88
N TYR A 176 -26.88 -15.93 -0.97
CA TYR A 176 -25.45 -15.74 -0.69
C TYR A 176 -24.58 -16.41 -1.72
N ILE A 177 -23.48 -15.77 -2.10
CA ILE A 177 -22.53 -16.33 -3.01
C ILE A 177 -21.17 -15.94 -2.47
N GLY A 178 -20.23 -16.87 -2.57
CA GLY A 178 -18.90 -16.65 -2.02
C GLY A 178 -17.86 -17.54 -2.67
N PHE A 179 -16.59 -17.23 -2.39
CA PHE A 179 -15.45 -18.01 -2.87
C PHE A 179 -14.50 -18.22 -1.69
N GLY A 180 -14.01 -19.44 -1.55
CA GLY A 180 -13.14 -19.76 -0.46
C GLY A 180 -11.96 -20.61 -0.82
N PHE A 181 -11.02 -20.65 0.10
CA PHE A 181 -9.90 -21.57 0.03
C PHE A 181 -9.82 -22.38 1.36
N ALA A 182 -9.90 -23.70 1.29
CA ALA A 182 -9.90 -24.56 2.46
C ALA A 182 -9.17 -25.86 2.01
N PRO A 183 -7.84 -25.83 1.92
CA PRO A 183 -7.09 -27.00 1.49
C PRO A 183 -7.04 -28.10 2.56
N LYS A 184 -7.04 -29.34 2.11
CA LYS A 184 -7.08 -30.51 2.94
C LYS A 184 -5.65 -30.93 3.26
N PHE A 185 -5.29 -30.87 4.53
CA PHE A 185 -3.98 -31.34 4.99
C PHE A 185 -4.01 -32.28 6.16
N SER A 186 -5.22 -32.68 6.57
CA SER A 186 -5.45 -33.45 7.75
C SER A 186 -6.83 -34.08 7.74
N LYS A 187 -6.92 -35.25 8.33
CA LYS A 187 -8.17 -35.97 8.49
C LYS A 187 -8.88 -35.39 9.71
N ASN A 188 -8.19 -34.60 10.55
CA ASN A 188 -8.76 -34.09 11.81
C ASN A 188 -9.07 -32.66 11.88
N TRP A 189 -8.33 -31.84 11.16
CA TRP A 189 -8.65 -30.42 11.17
C TRP A 189 -8.23 -29.75 9.85
N GLY A 190 -8.67 -28.53 9.62
CA GLY A 190 -8.06 -27.66 8.65
C GLY A 190 -8.38 -26.21 8.87
N VAL A 191 -7.99 -25.35 7.96
CA VAL A 191 -8.30 -23.90 8.07
C VAL A 191 -8.91 -23.42 6.76
N PHE A 192 -9.53 -22.27 6.80
CA PHE A 192 -10.17 -21.78 5.59
C PHE A 192 -10.24 -20.30 5.63
N GLY A 193 -10.43 -19.70 4.44
CA GLY A 193 -10.78 -18.30 4.29
C GLY A 193 -11.82 -18.15 3.18
N GLU A 194 -12.73 -17.19 3.37
CA GLU A 194 -13.86 -17.02 2.46
C GLU A 194 -14.26 -15.54 2.32
N VAL A 195 -14.63 -15.14 1.11
CA VAL A 195 -15.20 -13.83 0.83
C VAL A 195 -16.47 -14.03 0.01
N GLY A 196 -17.49 -13.24 0.29
CA GLY A 196 -18.71 -13.35 -0.45
C GLY A 196 -19.61 -12.20 -0.15
N ALA A 197 -20.88 -12.36 -0.46
CA ALA A 197 -21.79 -11.30 -0.23
C ALA A 197 -23.20 -11.83 -0.15
N TYR A 198 -23.98 -11.24 0.75
CA TYR A 198 -25.38 -11.53 0.84
C TYR A 198 -26.17 -10.50 0.03
N TYR A 199 -27.15 -10.93 -0.76
CA TYR A 199 -28.06 -10.02 -1.43
C TYR A 199 -29.16 -9.73 -0.41
N SER A 200 -28.80 -8.86 0.52
CA SER A 200 -29.67 -8.46 1.63
C SER A 200 -30.77 -7.49 1.22
N GLY A 201 -30.56 -6.69 0.19
CA GLY A 201 -31.42 -5.53 -0.07
C GLY A 201 -30.78 -4.31 0.57
N ASN A 202 -31.21 -3.12 0.17
CA ASN A 202 -30.62 -1.87 0.72
C ASN A 202 -30.89 -1.89 2.22
N PRO A 203 -29.92 -1.48 3.02
CA PRO A 203 -30.21 -1.32 4.45
C PRO A 203 -31.07 -0.10 4.73
N LYS A 204 -31.71 -0.06 5.89
CA LYS A 204 -32.16 1.19 6.45
C LYS A 204 -30.90 1.95 6.78
N VAL A 205 -30.83 3.23 6.46
CA VAL A 205 -29.59 4.01 6.69
C VAL A 205 -29.84 5.42 7.22
N SER A 206 -29.03 5.83 8.19
CA SER A 206 -29.04 7.21 8.67
C SER A 206 -27.66 7.73 8.73
N LEU A 207 -27.44 8.91 8.10
CA LEU A 207 -26.15 9.60 8.17
C LEU A 207 -26.26 10.95 8.86
N ALA A 208 -25.26 11.34 9.60
CA ALA A 208 -25.27 12.60 10.28
C ALA A 208 -23.86 13.10 10.58
N SER A 209 -23.74 14.40 10.84
CA SER A 209 -22.47 15.00 11.24
C SER A 209 -22.72 15.95 12.38
N ASN A 210 -21.71 16.32 13.15
CA ASN A 210 -21.87 17.44 14.09
C ASN A 210 -21.47 18.77 13.48
N ASN A 211 -21.32 18.88 12.16
CA ASN A 211 -21.22 20.17 11.47
C ASN A 211 -21.64 20.14 9.96
N ASP A 212 -22.94 20.14 9.73
CA ASP A 212 -23.50 20.06 8.40
C ASP A 212 -23.29 21.27 7.55
N ALA A 213 -23.02 22.43 8.14
CA ALA A 213 -22.81 23.63 7.31
C ALA A 213 -21.43 23.67 6.53
N LEU A 214 -20.43 22.85 6.84
CA LEU A 214 -19.20 22.90 6.04
C LEU A 214 -19.40 22.75 4.54
N ILE A 215 -18.78 23.65 3.74
CA ILE A 215 -18.86 23.60 2.28
C ILE A 215 -17.80 22.63 1.73
N GLY A 216 -18.16 21.69 0.89
CA GLY A 216 -17.13 20.93 0.20
C GLY A 216 -16.72 21.50 -1.16
N SER A 217 -15.73 20.84 -1.75
CA SER A 217 -15.12 21.29 -3.00
C SER A 217 -16.10 21.47 -4.10
N ASP A 218 -17.10 20.61 -4.25
CA ASP A 218 -18.12 20.89 -5.29
C ASP A 218 -19.22 21.89 -4.88
N GLY A 219 -19.16 22.51 -3.71
CA GLY A 219 -20.19 23.50 -3.37
C GLY A 219 -21.35 23.00 -2.50
N ARG A 220 -21.67 21.69 -2.50
CA ARG A 220 -22.68 21.16 -1.57
C ARG A 220 -22.16 21.25 -0.14
N THR A 221 -23.03 21.50 0.81
CA THR A 221 -22.69 21.41 2.20
C THR A 221 -22.56 19.95 2.60
N LEU A 222 -22.03 19.72 3.80
CA LEU A 222 -21.82 18.38 4.28
C LEU A 222 -23.19 17.71 4.55
N GLY A 223 -24.10 18.46 5.19
CA GLY A 223 -25.49 17.99 5.41
C GLY A 223 -26.14 17.51 4.13
N LYS A 224 -26.08 18.34 3.11
CA LYS A 224 -26.71 18.00 1.83
C LYS A 224 -26.06 16.77 1.14
N THR A 225 -24.71 16.72 1.22
CA THR A 225 -23.93 15.65 0.61
C THR A 225 -24.25 14.35 1.31
N LEU A 226 -24.49 14.41 2.62
CA LEU A 226 -24.83 13.23 3.40
C LEU A 226 -26.23 12.80 3.04
N ASP A 227 -27.08 13.75 2.78
CA ASP A 227 -28.36 13.37 2.40
C ASP A 227 -28.28 12.60 1.11
N ASP A 228 -27.43 13.06 0.22
CA ASP A 228 -27.32 12.46 -1.08
C ASP A 228 -26.75 11.08 -0.98
N GLN A 229 -25.73 10.90 -0.13
CA GLN A 229 -25.09 9.60 0.01
C GLN A 229 -26.05 8.63 0.69
N GLU A 230 -26.91 9.17 1.55
CA GLU A 230 -27.96 8.38 2.22
C GLU A 230 -28.96 7.83 1.21
N ARG A 231 -29.29 8.63 0.23
CA ARG A 231 -30.25 8.17 -0.74
C ARG A 231 -29.61 7.09 -1.61
N LYS A 232 -28.35 7.26 -2.02
CA LYS A 232 -27.69 6.20 -2.82
C LYS A 232 -27.64 4.87 -2.04
N ILE A 233 -27.34 4.95 -0.74
CA ILE A 233 -27.21 3.73 0.05
C ILE A 233 -28.58 3.03 0.19
N ALA A 234 -29.60 3.85 0.31
CA ALA A 234 -30.93 3.35 0.54
C ALA A 234 -31.58 2.80 -0.74
N ASN A 235 -30.99 3.02 -1.90
CA ASN A 235 -31.64 2.64 -3.16
C ASN A 235 -30.79 2.00 -4.25
N ASP A 236 -29.53 2.39 -4.42
CA ASP A 236 -28.78 1.85 -5.54
C ASP A 236 -28.53 0.36 -5.40
N ASP A 237 -28.59 -0.32 -6.54
CA ASP A 237 -28.34 -1.74 -6.65
C ASP A 237 -27.05 -2.16 -6.02
N LYS A 238 -26.03 -1.34 -6.10
CA LYS A 238 -24.76 -1.69 -5.53
C LYS A 238 -24.89 -2.02 -4.05
N TYR A 239 -25.70 -1.23 -3.35
CA TYR A 239 -25.85 -1.37 -1.93
C TYR A 239 -26.88 -2.36 -1.47
N LYS A 240 -27.42 -3.13 -2.40
CA LYS A 240 -28.27 -4.27 -2.02
C LYS A 240 -27.44 -5.45 -1.55
N TRP A 241 -26.12 -5.34 -1.70
CA TRP A 241 -25.20 -6.38 -1.32
C TRP A 241 -24.57 -6.11 -0.01
N LEU A 242 -24.44 -7.14 0.83
CA LEU A 242 -23.71 -7.04 2.11
C LEU A 242 -22.47 -7.92 2.04
N PRO A 243 -21.31 -7.30 1.91
CA PRO A 243 -20.08 -8.09 1.66
C PRO A 243 -19.57 -8.66 2.94
N VAL A 244 -18.77 -9.71 2.83
CA VAL A 244 -18.32 -10.39 4.02
C VAL A 244 -17.00 -11.09 3.73
N GLY A 245 -16.13 -11.11 4.73
CA GLY A 245 -14.91 -11.91 4.64
C GLY A 245 -14.71 -12.62 5.99
N LYS A 246 -14.19 -13.85 5.97
CA LYS A 246 -13.95 -14.53 7.19
C LYS A 246 -12.90 -15.60 7.06
N VAL A 247 -12.42 -16.06 8.21
CA VAL A 247 -11.42 -17.10 8.28
C VAL A 247 -11.79 -18.01 9.45
N GLY A 248 -11.22 -19.20 9.49
CA GLY A 248 -11.45 -20.01 10.67
C GLY A 248 -10.77 -21.31 10.64
N VAL A 249 -11.22 -22.18 11.52
CA VAL A 249 -10.62 -23.52 11.66
C VAL A 249 -11.69 -24.59 11.66
N ASN A 250 -11.41 -25.64 10.93
CA ASN A 250 -12.38 -26.72 10.83
C ASN A 250 -11.91 -27.78 11.76
N PHE A 251 -12.86 -28.50 12.36
CA PHE A 251 -12.55 -29.74 13.15
C PHE A 251 -13.41 -30.86 12.69
N TYR A 252 -12.77 -31.97 12.44
CA TYR A 252 -13.46 -33.17 11.92
C TYR A 252 -13.35 -34.19 12.97
N TRP A 253 -14.43 -34.79 13.40
CA TRP A 253 -14.44 -35.86 14.42
C TRP A 253 -15.82 -36.53 14.28
N ASN B 41 45.86 -10.68 -8.43
CA ASN B 41 47.16 -10.00 -8.76
C ASN B 41 46.93 -8.57 -9.35
N GLN B 42 46.59 -8.45 -10.63
CA GLN B 42 46.59 -7.14 -11.34
C GLN B 42 45.34 -6.95 -12.23
N LEU B 43 44.85 -5.72 -12.33
CA LEU B 43 43.52 -5.50 -12.90
C LEU B 43 43.56 -5.41 -14.43
N ILE B 44 42.88 -6.34 -15.07
CA ILE B 44 42.88 -6.45 -16.51
C ILE B 44 41.55 -5.88 -17.03
N PRO B 45 41.61 -4.99 -18.04
CA PRO B 45 40.38 -4.55 -18.69
C PRO B 45 39.63 -5.66 -19.40
N VAL B 46 38.34 -5.74 -19.14
CA VAL B 46 37.52 -6.87 -19.49
C VAL B 46 36.28 -6.51 -20.34
N GLY B 47 35.89 -5.25 -20.34
CA GLY B 47 34.81 -4.81 -21.18
C GLY B 47 34.08 -3.60 -20.63
N ALA B 48 32.81 -3.49 -20.95
CA ALA B 48 32.05 -2.30 -20.56
C ALA B 48 30.57 -2.61 -20.36
N ARG B 49 29.86 -1.73 -19.66
CA ARG B 49 28.45 -1.93 -19.53
C ARG B 49 27.65 -0.69 -19.79
N ALA B 50 26.41 -0.91 -20.21
CA ALA B 50 25.45 0.16 -20.44
C ALA B 50 24.41 -0.01 -19.32
N GLU B 51 23.99 1.10 -18.74
CA GLU B 51 23.06 1.04 -17.63
C GLU B 51 22.10 2.22 -17.62
N VAL B 52 20.95 1.97 -17.00
CA VAL B 52 19.89 2.98 -16.74
C VAL B 52 19.31 2.73 -15.37
N GLY B 53 18.80 3.78 -14.76
CA GLY B 53 18.31 3.62 -13.36
C GLY B 53 17.97 4.96 -12.78
N THR B 54 17.90 5.02 -11.45
CA THR B 54 17.38 6.19 -10.78
C THR B 54 18.27 7.38 -10.96
N THR B 55 19.46 7.14 -11.43
CA THR B 55 20.59 8.07 -11.40
C THR B 55 20.89 8.40 -12.89
N GLY B 56 19.97 7.94 -13.77
CA GLY B 56 19.99 8.31 -15.14
C GLY B 56 20.57 7.26 -16.06
N TYR B 57 21.22 7.75 -17.12
CA TYR B 57 21.72 6.93 -18.20
C TYR B 57 23.26 6.92 -18.23
N GLY B 58 23.88 5.78 -18.55
CA GLY B 58 25.28 5.80 -19.04
C GLY B 58 25.90 4.41 -18.96
N GLY B 59 27.02 4.27 -18.28
CA GLY B 59 27.78 3.03 -18.38
C GLY B 59 29.13 3.11 -17.69
N ALA B 60 29.87 2.02 -17.75
CA ALA B 60 31.15 1.92 -17.06
C ALA B 60 32.13 1.05 -17.81
N LEU B 61 33.40 1.27 -17.54
CA LEU B 61 34.48 0.38 -17.93
C LEU B 61 34.73 -0.58 -16.79
N LEU B 62 34.99 -1.82 -17.16
CA LEU B 62 35.11 -2.94 -16.25
C LEU B 62 36.51 -3.54 -16.27
N TRP B 63 37.04 -3.79 -15.07
CA TRP B 63 38.30 -4.57 -14.95
C TRP B 63 38.09 -5.77 -14.04
N GLN B 64 38.87 -6.83 -14.23
CA GLN B 64 38.85 -8.03 -13.36
C GLN B 64 40.30 -8.38 -13.07
N ALA B 65 40.59 -8.64 -11.79
CA ALA B 65 41.90 -9.15 -11.35
C ALA B 65 41.85 -10.64 -11.11
N ASN B 66 40.72 -11.13 -10.65
CA ASN B 66 40.55 -12.55 -10.44
C ASN B 66 39.06 -12.88 -10.24
N PRO B 67 38.74 -14.14 -10.02
CA PRO B 67 37.33 -14.42 -10.04
C PRO B 67 36.54 -13.67 -8.98
N TYR B 68 37.23 -13.06 -8.03
CA TYR B 68 36.62 -12.50 -6.82
C TYR B 68 36.58 -11.00 -6.80
N VAL B 69 37.47 -10.38 -7.55
CA VAL B 69 37.65 -8.96 -7.46
C VAL B 69 37.70 -8.29 -8.85
N GLY B 70 36.93 -7.21 -8.98
CA GLY B 70 36.87 -6.47 -10.21
C GLY B 70 36.66 -5.02 -9.89
N LEU B 71 36.54 -4.21 -10.94
CA LEU B 71 36.44 -2.80 -10.78
C LEU B 71 35.56 -2.20 -11.85
N ALA B 72 34.70 -1.28 -11.45
CA ALA B 72 33.87 -0.56 -12.38
C ALA B 72 34.12 0.92 -12.19
N LEU B 73 34.27 1.62 -13.32
CA LEU B 73 34.37 3.07 -13.32
C LEU B 73 33.40 3.61 -14.38
N GLY B 74 32.44 4.42 -13.94
CA GLY B 74 31.33 4.78 -14.78
C GLY B 74 30.80 6.17 -14.56
N TYR B 75 29.83 6.52 -15.43
CA TYR B 75 29.16 7.80 -15.40
C TYR B 75 27.66 7.58 -15.60
N ASN B 76 26.83 8.20 -14.75
CA ASN B 76 25.40 8.33 -15.00
C ASN B 76 25.09 9.83 -15.04
N GLY B 77 24.26 10.25 -16.00
CA GLY B 77 23.72 11.62 -16.04
C GLY B 77 22.35 11.57 -16.67
N GLY B 78 21.64 12.67 -16.61
CA GLY B 78 20.35 12.77 -17.29
C GLY B 78 19.19 13.21 -16.40
N ASP B 79 18.24 13.89 -17.03
CA ASP B 79 17.05 14.38 -16.38
C ASP B 79 16.03 13.22 -16.32
N ILE B 80 15.39 13.10 -15.14
CA ILE B 80 14.17 12.30 -14.98
C ILE B 80 13.06 13.12 -14.26
N SER B 81 11.83 13.01 -14.74
CA SER B 81 10.65 13.64 -14.16
C SER B 81 9.48 12.67 -14.08
N TRP B 82 8.77 12.64 -12.95
CA TRP B 82 7.44 12.05 -12.84
C TRP B 82 6.49 12.96 -12.12
N SER B 83 5.19 12.72 -12.35
CA SER B 83 4.09 13.52 -11.85
C SER B 83 3.03 12.57 -11.33
N ASP B 84 2.88 12.51 -10.02
CA ASP B 84 1.80 11.71 -9.39
C ASP B 84 0.56 12.52 -8.97
N ASP B 85 -0.58 12.30 -9.62
CA ASP B 85 -1.85 12.84 -9.03
C ASP B 85 -2.85 11.79 -8.48
N LEU B 86 -2.39 10.57 -8.26
CA LEU B 86 -3.26 9.47 -7.90
C LEU B 86 -3.06 8.94 -6.45
N SER B 87 -1.82 8.93 -5.97
CA SER B 87 -1.55 8.38 -4.62
C SER B 87 -2.01 9.25 -3.48
N ILE B 88 -2.05 10.55 -3.65
CA ILE B 88 -2.44 11.37 -2.52
C ILE B 88 -3.71 12.03 -2.92
N ASN B 89 -4.69 11.96 -2.04
CA ASN B 89 -6.00 12.46 -2.34
C ASN B 89 -5.93 13.96 -2.50
N GLY B 90 -6.45 14.46 -3.62
CA GLY B 90 -6.53 15.89 -3.87
C GLY B 90 -5.19 16.57 -4.08
N THR B 91 -4.16 15.75 -4.35
CA THR B 91 -2.78 16.22 -4.40
C THR B 91 -2.01 15.70 -5.64
N LYS B 92 -1.31 16.62 -6.27
CA LYS B 92 -0.43 16.33 -7.41
C LYS B 92 1.02 16.49 -6.93
N TYR B 93 1.77 15.42 -7.02
CA TYR B 93 3.17 15.40 -6.54
C TYR B 93 4.16 15.20 -7.70
N ASP B 94 5.11 16.13 -7.87
CA ASP B 94 6.01 16.18 -9.05
C ASP B 94 7.42 16.14 -8.62
N MET B 95 8.21 15.41 -9.37
CA MET B 95 9.61 15.26 -9.11
C MET B 95 10.37 15.53 -10.39
N ASP B 96 11.32 16.45 -10.39
CA ASP B 96 12.20 16.70 -11.51
C ASP B 96 13.63 16.56 -11.01
N MET B 97 14.39 15.67 -11.60
CA MET B 97 15.77 15.44 -11.16
C MET B 97 16.77 15.58 -12.28
N ASP B 98 17.95 16.03 -11.89
CA ASP B 98 19.11 16.07 -12.69
C ASP B 98 20.32 15.33 -12.09
N ASN B 99 20.91 14.50 -12.92
CA ASN B 99 21.99 13.62 -12.51
C ASN B 99 23.30 13.92 -13.17
N LYS B 100 24.32 14.06 -12.35
CA LYS B 100 25.70 14.03 -12.78
C LYS B 100 26.54 13.25 -11.76
N LEU B 101 26.90 12.03 -12.10
CA LEU B 101 27.53 11.17 -11.14
C LEU B 101 28.56 10.22 -11.82
N ALA B 102 29.78 10.24 -11.31
CA ALA B 102 30.85 9.40 -11.83
C ALA B 102 31.40 8.59 -10.67
N TYR B 103 31.48 7.28 -10.86
CA TYR B 103 31.83 6.42 -9.74
C TYR B 103 32.95 5.47 -10.04
N LEU B 104 33.60 5.06 -8.98
CA LEU B 104 34.61 4.05 -9.01
C LEU B 104 34.37 3.06 -7.87
N ASN B 105 33.96 1.85 -8.20
CA ASN B 105 33.90 0.85 -7.15
C ASN B 105 34.47 -0.48 -7.45
N ALA B 106 34.97 -1.10 -6.39
CA ALA B 106 35.38 -2.50 -6.41
C ALA B 106 34.12 -3.36 -6.41
N GLU B 107 34.11 -4.42 -7.22
CA GLU B 107 33.04 -5.44 -7.12
C GLU B 107 33.69 -6.71 -6.55
N ILE B 108 33.14 -7.18 -5.46
CA ILE B 108 33.61 -8.39 -4.81
C ILE B 108 32.59 -9.51 -4.98
N ARG B 109 33.02 -10.61 -5.58
CA ARG B 109 32.15 -11.77 -5.71
C ARG B 109 32.51 -12.83 -4.67
N PRO B 110 31.80 -12.88 -3.53
CA PRO B 110 32.14 -13.92 -2.53
C PRO B 110 32.21 -15.35 -3.13
N TRP B 111 31.42 -15.65 -4.16
CA TRP B 111 31.38 -16.97 -4.78
C TRP B 111 31.78 -16.85 -6.25
N GLY B 112 32.76 -16.02 -6.53
CA GLY B 112 33.13 -15.71 -7.90
C GLY B 112 33.81 -16.87 -8.63
N ALA B 113 34.24 -17.86 -7.87
CA ALA B 113 34.76 -19.08 -8.47
C ALA B 113 33.62 -20.05 -8.79
N SER B 114 32.45 -19.85 -8.17
CA SER B 114 31.44 -20.87 -8.17
C SER B 114 31.03 -21.33 -9.50
N THR B 115 30.48 -22.52 -9.42
CA THR B 115 30.32 -23.40 -10.55
C THR B 115 29.06 -23.00 -11.31
N ASN B 116 28.09 -22.40 -10.63
CA ASN B 116 26.91 -21.91 -11.28
C ASN B 116 26.84 -20.40 -11.14
N PRO B 117 26.23 -19.74 -12.14
CA PRO B 117 26.29 -18.29 -12.20
C PRO B 117 25.38 -17.56 -11.21
N TRP B 118 24.47 -18.26 -10.56
CA TRP B 118 23.55 -17.64 -9.63
C TRP B 118 24.29 -17.17 -8.39
N ALA B 119 25.30 -17.90 -7.96
CA ALA B 119 26.17 -17.46 -6.85
C ALA B 119 27.36 -16.60 -7.36
N GLN B 120 27.88 -17.01 -8.52
CA GLN B 120 28.96 -16.30 -9.13
C GLN B 120 28.62 -14.86 -9.50
N GLY B 121 27.34 -14.60 -9.73
CA GLY B 121 26.84 -13.33 -10.19
C GLY B 121 26.56 -12.36 -9.06
N LEU B 122 26.57 -12.82 -7.81
CA LEU B 122 26.32 -11.95 -6.67
C LEU B 122 27.57 -11.18 -6.29
N TYR B 123 27.38 -9.90 -6.01
CA TYR B 123 28.46 -9.08 -5.61
C TYR B 123 28.08 -7.94 -4.69
N VAL B 124 29.09 -7.49 -3.99
CA VAL B 124 29.04 -6.30 -3.19
C VAL B 124 29.85 -5.26 -3.93
N ALA B 125 29.32 -4.04 -4.00
CA ALA B 125 30.05 -2.97 -4.62
C ALA B 125 30.48 -1.96 -3.53
N ALA B 126 31.72 -1.47 -3.61
CA ALA B 126 32.20 -0.49 -2.65
C ALA B 126 33.16 0.45 -3.30
N GLY B 127 32.95 1.74 -3.06
CA GLY B 127 33.87 2.72 -3.60
C GLY B 127 33.45 4.13 -3.33
N ALA B 128 33.53 4.99 -4.35
CA ALA B 128 33.18 6.38 -4.15
C ALA B 128 32.82 7.04 -5.44
N ALA B 129 32.04 8.11 -5.32
CA ALA B 129 31.61 8.83 -6.50
C ALA B 129 31.74 10.31 -6.37
N TYR B 130 32.03 10.96 -7.48
CA TYR B 130 31.77 12.36 -7.65
C TYR B 130 30.24 12.50 -7.84
N VAL B 131 29.60 13.31 -6.98
CA VAL B 131 28.14 13.47 -7.01
C VAL B 131 27.73 14.90 -7.18
N ASP B 132 26.92 15.13 -8.20
CA ASP B 132 26.40 16.47 -8.45
C ASP B 132 24.97 16.40 -8.99
N ASN B 133 24.05 16.21 -8.07
CA ASN B 133 22.69 15.95 -8.40
C ASN B 133 21.77 16.97 -7.81
N GLN B 134 20.66 17.22 -8.49
CA GLN B 134 19.71 18.20 -8.06
C GLN B 134 18.28 17.66 -8.17
N TYR B 135 17.46 17.84 -7.13
CA TYR B 135 16.02 17.42 -7.15
C TYR B 135 15.09 18.60 -6.86
N ASP B 136 14.08 18.77 -7.72
CA ASP B 136 12.99 19.73 -7.55
C ASP B 136 11.73 18.97 -7.29
N LEU B 137 11.19 19.14 -6.09
CA LEU B 137 9.97 18.44 -5.65
C LEU B 137 8.86 19.43 -5.52
N THR B 138 7.68 19.04 -5.96
CA THR B 138 6.55 19.95 -5.90
C THR B 138 5.28 19.23 -5.56
N LYS B 139 4.63 19.75 -4.53
CA LYS B 139 3.38 19.21 -4.07
C LYS B 139 2.34 20.29 -4.28
N ASN B 140 1.30 19.97 -5.01
CA ASN B 140 0.25 20.92 -5.16
C ASN B 140 -0.94 20.36 -4.42
N VAL B 141 -1.20 20.93 -3.26
CA VAL B 141 -2.28 20.42 -2.41
C VAL B 141 -3.57 21.08 -2.85
N GLY B 142 -4.56 20.32 -3.32
CA GLY B 142 -5.78 20.90 -3.87
C GLY B 142 -6.82 21.40 -2.90
N THR B 143 -7.92 21.91 -3.43
CA THR B 143 -9.07 22.33 -2.63
C THR B 143 -9.54 21.34 -1.56
N ASN B 144 -9.52 21.82 -0.30
CA ASN B 144 -9.88 21.07 0.90
C ASN B 144 -9.01 19.81 1.11
N ALA B 145 -7.88 19.71 0.44
CA ALA B 145 -7.03 18.58 0.63
C ALA B 145 -6.14 18.80 1.84
N SER B 146 -5.53 17.73 2.34
CA SER B 146 -4.71 17.84 3.52
C SER B 146 -3.30 17.37 3.26
N VAL B 147 -2.32 18.00 3.85
CA VAL B 147 -0.97 17.49 3.75
C VAL B 147 -0.37 17.56 5.14
N GLU B 148 0.54 16.61 5.45
CA GLU B 148 1.25 16.59 6.73
C GLU B 148 2.77 16.77 6.58
N ILE B 149 3.38 17.69 7.31
CA ILE B 149 4.82 17.93 7.22
C ILE B 149 5.35 18.08 8.62
N ASP B 150 6.42 17.35 8.93
CA ASP B 150 7.01 17.32 10.28
C ASP B 150 5.96 17.23 11.36
N GLY B 151 5.04 16.27 11.20
CA GLY B 151 3.99 16.07 12.20
C GLY B 151 2.88 17.10 12.27
N ASN B 152 2.86 18.11 11.41
CA ASN B 152 1.90 19.23 11.50
C ASN B 152 1.01 19.18 10.25
N ARG B 153 -0.31 19.27 10.46
CA ARG B 153 -1.23 18.95 9.36
C ARG B 153 -1.88 20.24 8.86
N PHE B 154 -1.87 20.44 7.55
CA PHE B 154 -2.38 21.63 6.91
C PHE B 154 -3.52 21.28 5.96
N ASN B 155 -4.44 22.25 5.81
CA ASN B 155 -5.51 22.21 4.82
C ASN B 155 -5.37 23.15 3.63
N GLY B 156 -5.46 22.64 2.41
CA GLY B 156 -5.60 23.50 1.20
C GLY B 156 -6.65 24.59 1.13
N GLY B 157 -7.77 24.43 1.85
CA GLY B 157 -8.81 25.44 1.81
C GLY B 157 -9.35 25.63 0.41
N ALA B 158 -9.99 26.73 0.19
CA ALA B 158 -10.67 27.04 -1.08
C ALA B 158 -9.79 26.89 -2.33
N ASN B 159 -8.53 27.36 -2.27
CA ASN B 159 -7.55 27.39 -3.41
C ASN B 159 -6.37 26.40 -3.43
N GLY B 160 -6.19 25.61 -2.38
CA GLY B 160 -5.04 24.74 -2.31
C GLY B 160 -3.80 25.54 -2.03
N VAL B 161 -2.70 24.85 -1.83
CA VAL B 161 -1.41 25.50 -1.56
C VAL B 161 -0.36 24.68 -2.34
N SER B 162 0.71 25.32 -2.79
CA SER B 162 1.83 24.58 -3.42
C SER B 162 3.08 24.69 -2.60
N ILE B 163 3.72 23.56 -2.41
CA ILE B 163 4.92 23.47 -1.62
C ILE B 163 6.04 22.89 -2.49
N ALA B 164 7.17 23.55 -2.48
CA ALA B 164 8.29 23.23 -3.35
C ALA B 164 9.56 22.95 -2.51
N GLY B 165 10.39 22.09 -3.05
CA GLY B 165 11.69 21.80 -2.48
C GLY B 165 12.77 21.69 -3.54
N ASN B 166 13.93 22.24 -3.22
CA ASN B 166 15.09 22.07 -3.99
C ASN B 166 16.08 21.32 -3.10
N LEU B 167 16.56 20.20 -3.59
CA LEU B 167 17.63 19.47 -2.91
C LEU B 167 18.87 19.34 -3.84
N LYS B 168 20.02 19.85 -3.42
CA LYS B 168 21.29 19.73 -4.17
C LYS B 168 22.25 18.82 -3.39
N TYR B 169 22.74 17.74 -4.04
CA TYR B 169 23.80 16.89 -3.48
C TYR B 169 25.07 17.11 -4.27
N ASP B 170 26.10 17.63 -3.61
CA ASP B 170 27.41 17.92 -4.18
C ASP B 170 28.42 17.27 -3.30
N ASN B 171 29.09 16.26 -3.78
CA ASN B 171 30.16 15.72 -3.02
C ASN B 171 31.16 15.14 -3.98
N ASP B 172 32.38 15.62 -3.91
CA ASP B 172 33.52 15.10 -4.70
C ASP B 172 33.86 13.66 -4.43
N ILE B 173 33.77 13.23 -3.19
CA ILE B 173 34.16 11.87 -2.82
C ILE B 173 33.13 11.24 -1.87
N ALA B 174 32.03 10.75 -2.41
CA ALA B 174 30.98 10.16 -1.62
C ALA B 174 31.15 8.67 -1.54
N PRO B 175 31.38 8.12 -0.36
CA PRO B 175 31.46 6.64 -0.27
C PRO B 175 30.22 5.96 -0.83
N TYR B 176 30.37 4.74 -1.33
CA TYR B 176 29.22 4.05 -1.89
C TYR B 176 29.27 2.63 -1.51
N ILE B 177 28.11 2.06 -1.24
CA ILE B 177 28.01 0.64 -0.93
C ILE B 177 26.78 0.16 -1.66
N GLY B 178 26.91 -1.03 -2.27
CA GLY B 178 25.84 -1.55 -3.11
C GLY B 178 25.91 -3.05 -3.25
N PHE B 179 24.82 -3.65 -3.74
CA PHE B 179 24.70 -5.09 -3.91
C PHE B 179 24.15 -5.33 -5.28
N GLY B 180 24.72 -6.29 -5.99
CA GLY B 180 24.28 -6.55 -7.32
C GLY B 180 24.16 -8.00 -7.67
N PHE B 181 23.42 -8.23 -8.73
CA PHE B 181 23.33 -9.54 -9.30
C PHE B 181 23.65 -9.45 -10.82
N ALA B 182 24.73 -10.10 -11.26
CA ALA B 182 25.23 -10.00 -12.63
C ALA B 182 25.60 -11.37 -13.12
N PRO B 183 24.60 -12.13 -13.53
CA PRO B 183 24.89 -13.45 -14.03
C PRO B 183 25.27 -13.35 -15.49
N LYS B 184 26.17 -14.22 -15.88
CA LYS B 184 26.72 -14.29 -17.21
C LYS B 184 26.01 -15.41 -18.03
N PHE B 185 25.33 -14.99 -19.10
CA PHE B 185 24.60 -15.94 -19.93
C PHE B 185 25.62 -16.74 -20.77
N SER B 186 26.41 -15.98 -21.51
CA SER B 186 27.31 -16.42 -22.51
C SER B 186 28.67 -15.89 -22.10
N LYS B 187 29.68 -16.11 -22.94
CA LYS B 187 31.05 -15.69 -22.63
C LYS B 187 31.17 -14.20 -22.82
N ASN B 188 30.32 -13.65 -23.67
CA ASN B 188 30.49 -12.28 -24.10
C ASN B 188 29.57 -11.33 -23.47
N TRP B 189 28.50 -11.76 -22.81
CA TRP B 189 27.61 -10.77 -22.25
C TRP B 189 26.72 -11.25 -21.10
N GLY B 190 26.22 -10.29 -20.34
CA GLY B 190 25.19 -10.60 -19.37
C GLY B 190 24.35 -9.41 -19.01
N VAL B 191 23.43 -9.59 -18.10
CA VAL B 191 22.66 -8.47 -17.57
C VAL B 191 22.92 -8.33 -16.09
N PHE B 192 22.51 -7.21 -15.52
CA PHE B 192 22.77 -7.01 -14.12
C PHE B 192 21.78 -6.06 -13.58
N GLY B 193 21.61 -6.12 -12.26
CA GLY B 193 20.87 -5.13 -11.49
C GLY B 193 21.71 -4.84 -10.24
N GLU B 194 21.56 -3.63 -9.72
CA GLU B 194 22.35 -3.18 -8.58
C GLU B 194 21.55 -2.17 -7.80
N VAL B 195 21.61 -2.29 -6.48
CA VAL B 195 21.00 -1.31 -5.54
C VAL B 195 22.03 -0.91 -4.54
N GLY B 196 22.01 0.35 -4.13
CA GLY B 196 22.97 0.78 -3.10
C GLY B 196 22.68 2.17 -2.64
N ALA B 197 23.67 2.82 -2.06
CA ALA B 197 23.47 4.16 -1.59
C ALA B 197 24.79 4.90 -1.45
N TYR B 198 24.78 6.18 -1.81
CA TYR B 198 25.93 7.04 -1.63
C TYR B 198 25.80 7.74 -0.28
N TYR B 199 26.85 7.77 0.52
CA TYR B 199 26.90 8.57 1.75
C TYR B 199 27.39 9.95 1.28
N SER B 200 26.45 10.67 0.70
CA SER B 200 26.67 12.02 0.13
C SER B 200 26.80 13.06 1.16
N GLY B 201 26.20 12.87 2.34
CA GLY B 201 26.08 13.95 3.30
C GLY B 201 24.73 14.61 3.08
N ASN B 202 24.32 15.46 4.02
CA ASN B 202 23.05 16.21 3.88
C ASN B 202 23.11 17.10 2.66
N PRO B 203 22.04 17.16 1.88
CA PRO B 203 22.04 18.06 0.73
C PRO B 203 21.88 19.48 1.16
N LYS B 204 22.22 20.40 0.28
CA LYS B 204 21.85 21.76 0.42
C LYS B 204 20.32 21.77 0.12
N VAL B 205 19.50 22.46 0.95
CA VAL B 205 18.05 22.32 0.84
C VAL B 205 17.28 23.64 0.98
N SER B 206 16.29 23.84 0.13
CA SER B 206 15.40 24.99 0.24
C SER B 206 14.00 24.53 0.09
N LEU B 207 13.17 24.92 1.06
CA LEU B 207 11.72 24.63 1.00
C LEU B 207 10.91 25.90 0.92
N ALA B 208 9.80 25.87 0.20
CA ALA B 208 8.98 27.07 0.09
C ALA B 208 7.53 26.67 -0.21
N SER B 209 6.62 27.59 0.04
CA SER B 209 5.23 27.46 -0.34
C SER B 209 4.73 28.77 -0.89
N ASN B 210 3.62 28.76 -1.60
CA ASN B 210 3.01 30.00 -2.02
C ASN B 210 1.94 30.42 -1.04
N ASN B 211 1.92 29.84 0.16
CA ASN B 211 1.13 30.40 1.28
C ASN B 211 1.62 29.99 2.71
N ASP B 212 2.65 30.66 3.19
CA ASP B 212 3.28 30.33 4.44
C ASP B 212 2.45 30.66 5.63
N ALA B 213 1.46 31.54 5.52
CA ALA B 213 0.70 31.90 6.74
C ALA B 213 -0.30 30.80 7.20
N LEU B 214 -0.59 29.75 6.40
CA LEU B 214 -1.55 28.73 6.87
C LEU B 214 -1.11 28.11 8.19
N ILE B 215 -2.03 28.04 9.15
CA ILE B 215 -1.76 27.47 10.46
C ILE B 215 -1.94 25.96 10.35
N GLY B 216 -0.97 25.18 10.79
CA GLY B 216 -1.24 23.75 10.91
C GLY B 216 -1.81 23.32 12.26
N SER B 217 -2.17 22.06 12.32
CA SER B 217 -2.77 21.46 13.49
C SER B 217 -1.95 21.67 14.77
N ASP B 218 -0.63 21.60 14.73
CA ASP B 218 0.10 21.89 15.99
C ASP B 218 0.35 23.39 16.22
N GLY B 219 -0.19 24.28 15.40
CA GLY B 219 -0.01 25.69 15.67
C GLY B 219 1.11 26.41 14.96
N ARG B 220 2.16 25.69 14.53
CA ARG B 220 3.18 26.34 13.67
C ARG B 220 2.56 26.73 12.33
N THR B 221 2.97 27.86 11.77
CA THR B 221 2.57 28.22 10.39
C THR B 221 3.33 27.31 9.41
N LEU B 222 2.88 27.33 8.16
CA LEU B 222 3.48 26.50 7.14
C LEU B 222 4.94 26.95 6.91
N GLY B 223 5.15 28.28 6.82
CA GLY B 223 6.47 28.86 6.69
C GLY B 223 7.40 28.28 7.76
N LYS B 224 6.96 28.33 9.01
CA LYS B 224 7.84 27.95 10.13
C LYS B 224 8.12 26.44 10.16
N THR B 225 7.09 25.68 9.78
CA THR B 225 7.16 24.23 9.72
C THR B 225 8.14 23.83 8.63
N LEU B 226 8.13 24.59 7.52
CA LEU B 226 9.06 24.34 6.42
C LEU B 226 10.49 24.72 6.85
N ASP B 227 10.64 25.76 7.67
CA ASP B 227 12.00 26.07 8.15
C ASP B 227 12.46 24.95 9.01
N ASP B 228 11.56 24.37 9.79
CA ASP B 228 11.95 23.24 10.64
C ASP B 228 12.30 21.98 9.85
N GLN B 229 11.54 21.66 8.81
CA GLN B 229 11.79 20.45 8.02
C GLN B 229 13.08 20.63 7.26
N GLU B 230 13.36 21.88 6.92
CA GLU B 230 14.56 22.21 6.23
C GLU B 230 15.78 21.93 7.10
N ARG B 231 15.69 22.23 8.37
CA ARG B 231 16.81 22.02 9.26
C ARG B 231 17.02 20.53 9.44
N LYS B 232 15.96 19.77 9.57
CA LYS B 232 16.15 18.31 9.65
C LYS B 232 16.86 17.74 8.41
N ILE B 233 16.44 18.20 7.24
CA ILE B 233 17.00 17.63 6.04
C ILE B 233 18.50 18.02 5.93
N ALA B 234 18.82 19.22 6.40
CA ALA B 234 20.13 19.75 6.29
C ALA B 234 21.09 19.16 7.33
N ASN B 235 20.58 18.42 8.31
CA ASN B 235 21.43 17.90 9.40
C ASN B 235 21.23 16.42 9.81
N ASP B 236 20.02 15.86 9.83
CA ASP B 236 19.82 14.53 10.35
C ASP B 236 20.56 13.45 9.52
N ASP B 237 21.13 12.49 10.23
CA ASP B 237 21.81 11.33 9.67
C ASP B 237 21.02 10.60 8.60
N LYS B 238 19.72 10.47 8.75
CA LYS B 238 18.98 9.68 7.77
C LYS B 238 19.11 10.36 6.40
N TYR B 239 19.23 11.70 6.38
CA TYR B 239 19.30 12.45 5.14
C TYR B 239 20.70 12.58 4.55
N LYS B 240 21.68 11.91 5.16
CA LYS B 240 23.02 11.84 4.59
C LYS B 240 23.21 10.77 3.50
N TRP B 241 22.20 9.91 3.29
CA TRP B 241 22.26 8.84 2.24
C TRP B 241 21.52 9.17 0.94
N LEU B 242 22.06 8.74 -0.17
CA LEU B 242 21.38 8.93 -1.44
C LEU B 242 21.23 7.55 -2.09
N PRO B 243 20.01 7.01 -2.10
CA PRO B 243 19.79 5.63 -2.54
C PRO B 243 19.74 5.57 -4.08
N VAL B 244 20.00 4.38 -4.64
CA VAL B 244 20.10 4.24 -6.08
C VAL B 244 19.77 2.80 -6.49
N GLY B 245 19.13 2.66 -7.64
CA GLY B 245 18.95 1.30 -8.21
C GLY B 245 19.16 1.39 -9.72
N LYS B 246 19.72 0.35 -10.30
CA LYS B 246 19.92 0.42 -11.77
C LYS B 246 19.99 -0.97 -12.38
N VAL B 247 19.84 -1.01 -13.69
CA VAL B 247 19.90 -2.26 -14.44
C VAL B 247 20.67 -2.00 -15.74
N GLY B 248 21.15 -3.04 -16.37
CA GLY B 248 21.87 -2.83 -17.61
C GLY B 248 22.46 -4.08 -18.18
N VAL B 249 23.35 -3.91 -19.14
CA VAL B 249 23.93 -5.04 -19.87
C VAL B 249 25.46 -4.95 -19.87
N ASN B 250 26.13 -6.07 -19.59
CA ASN B 250 27.57 -6.08 -19.59
C ASN B 250 28.01 -6.69 -20.87
N PHE B 251 29.13 -6.21 -21.38
CA PHE B 251 29.76 -6.74 -22.60
C PHE B 251 31.22 -7.00 -22.30
N TYR B 252 31.66 -8.20 -22.64
CA TYR B 252 33.00 -8.65 -22.32
C TYR B 252 33.65 -8.98 -23.63
N TRP B 253 34.88 -8.52 -23.85
CA TRP B 253 35.73 -8.98 -24.93
C TRP B 253 36.26 -10.33 -24.50
#